data_2RHT
#
_entry.id   2RHT
#
_cell.length_a   117.774
_cell.length_b   117.774
_cell.length_c   86.739
_cell.angle_alpha   90.000
_cell.angle_beta   90.000
_cell.angle_gamma   90.000
#
_symmetry.space_group_name_H-M   'I 41 2 2'
#
loop_
_entity.id
_entity.type
_entity.pdbx_description
1 polymer '2-hydroxy-6-oxo-6-phenylhexa-2,4-dienoate hydrolase'
2 non-polymer 'SODIUM ION'
3 non-polymer '(2Z,4E)-3-chloro-2-hydroxy-6-oxo-6-phenylhexa-2,4-dienoic acid'
4 non-polymer 'MALONATE ION'
5 water water
#
_entity_poly.entity_id   1
_entity_poly.type   'polypeptide(L)'
_entity_poly.pdbx_seq_one_letter_code
;LTESSTSKFVKINEKGFSDFNIHYNEAGNGETVIMLHGGGPGAGGWSNYYRNVGPFVDAGYRVILKDSPGFNKSDAVVMD
EQRGLVNARAVKGLMDALDIDRAHLVGNAMGGATALNFALEYPDRIGKLILMGPGGLGPSMFAPMPMEGIKLLFKLYAEP
SYETLKQMLQVFLYDQSLITEELLQGRWEAIQRQPEHLKNFLISAQKAPLSTWDVTARLGEIKAKTFITWGRDDRFVPLD
HGLKLLWNIDDARLHVFSKCGHWAQWEHADEFNRLVIDFLRHA
;
_entity_poly.pdbx_strand_id   A
#
loop_
_chem_comp.id
_chem_comp.type
_chem_comp.name
_chem_comp.formula
C1E non-polymer '(2Z,4E)-3-chloro-2-hydroxy-6-oxo-6-phenylhexa-2,4-dienoic acid' 'C12 H9 Cl O4'
MLI non-polymer 'MALONATE ION' 'C3 H2 O4 -2'
NA non-polymer 'SODIUM ION' 'Na 1'
#
# COMPACT_ATOMS: atom_id res chain seq x y z
N LEU A 1 -1.23 -19.10 -9.95
CA LEU A 1 -0.40 -17.87 -10.21
C LEU A 1 0.82 -17.86 -9.32
N THR A 2 1.95 -17.41 -9.86
CA THR A 2 3.14 -17.26 -9.07
C THR A 2 3.74 -15.91 -9.35
N GLU A 3 4.63 -15.46 -8.47
CA GLU A 3 5.35 -14.21 -8.66
C GLU A 3 6.09 -14.24 -10.00
N SER A 4 6.75 -15.37 -10.29
CA SER A 4 7.54 -15.52 -11.52
CA SER A 4 7.54 -15.50 -11.52
C SER A 4 6.71 -15.43 -12.80
N SER A 5 5.58 -16.16 -12.83
CA SER A 5 4.75 -16.18 -14.05
C SER A 5 4.03 -14.86 -14.30
N THR A 6 3.88 -14.04 -13.25
CA THR A 6 3.14 -12.77 -13.39
C THR A 6 4.06 -11.55 -13.50
N SER A 7 5.36 -11.75 -13.24
CA SER A 7 6.35 -10.66 -13.20
C SER A 7 6.49 -9.94 -14.52
N LYS A 8 6.46 -8.61 -14.49
CA LYS A 8 6.63 -7.76 -15.68
C LYS A 8 7.38 -6.50 -15.30
N PHE A 9 7.97 -5.83 -16.30
CA PHE A 9 8.65 -4.54 -16.07
C PHE A 9 8.21 -3.56 -17.13
N VAL A 10 8.14 -2.28 -16.76
CA VAL A 10 7.80 -1.23 -17.71
C VAL A 10 8.54 0.03 -17.34
N LYS A 11 9.05 0.73 -18.35
CA LYS A 11 9.75 1.99 -18.12
C LYS A 11 8.71 3.08 -18.13
N ILE A 12 8.76 3.96 -17.12
CA ILE A 12 7.82 5.08 -17.09
C ILE A 12 8.50 6.42 -17.28
N ASN A 13 7.69 7.36 -17.74
CA ASN A 13 8.09 8.73 -18.00
C ASN A 13 6.95 9.63 -17.55
N GLU A 14 7.19 10.35 -16.48
CA GLU A 14 6.18 11.21 -15.88
C GLU A 14 6.93 12.20 -15.01
N LYS A 15 6.37 13.38 -14.77
CA LYS A 15 7.03 14.43 -13.98
C LYS A 15 8.04 13.89 -12.97
N GLY A 16 9.32 14.05 -13.32
CA GLY A 16 10.42 13.68 -12.43
C GLY A 16 10.85 12.23 -12.56
N PHE A 17 10.20 11.52 -13.48
CA PHE A 17 10.61 10.14 -13.81
C PHE A 17 11.02 10.08 -15.27
N SER A 18 12.24 9.61 -15.51
CA SER A 18 12.76 9.45 -16.86
C SER A 18 13.32 8.06 -17.07
N ASP A 19 12.67 7.29 -17.95
CA ASP A 19 13.06 5.93 -18.28
C ASP A 19 13.23 5.15 -16.97
N PHE A 20 12.24 5.27 -16.08
CA PHE A 20 12.35 4.74 -14.73
C PHE A 20 11.68 3.38 -14.68
N ASN A 21 12.41 2.39 -14.20
CA ASN A 21 11.93 1.01 -14.26
C ASN A 21 10.95 0.70 -13.14
N ILE A 22 9.75 0.26 -13.53
CA ILE A 22 8.74 -0.20 -12.58
C ILE A 22 8.47 -1.68 -12.75
N HIS A 23 8.61 -2.44 -11.66
CA HIS A 23 8.27 -3.85 -11.67
C HIS A 23 6.83 -4.00 -11.19
N TYR A 24 6.09 -4.93 -11.76
CA TYR A 24 4.73 -5.22 -11.30
C TYR A 24 4.39 -6.68 -11.58
N ASN A 25 3.40 -7.20 -10.88
CA ASN A 25 2.90 -8.54 -11.16
C ASN A 25 1.49 -8.41 -11.69
N GLU A 26 1.24 -9.00 -12.86
CA GLU A 26 -0.05 -8.86 -13.51
CA GLU A 26 -0.04 -8.85 -13.54
C GLU A 26 -0.71 -10.20 -13.78
N ALA A 27 -2.01 -10.27 -13.52
CA ALA A 27 -2.82 -11.44 -13.89
C ALA A 27 -4.24 -11.01 -14.20
N GLY A 28 -4.93 -11.77 -15.05
CA GLY A 28 -6.31 -11.44 -15.39
C GLY A 28 -6.38 -10.43 -16.52
N ASN A 29 -7.59 -10.17 -17.02
CA ASN A 29 -7.73 -9.30 -18.20
C ASN A 29 -8.96 -8.38 -18.28
N GLY A 30 -9.78 -8.34 -17.22
CA GLY A 30 -10.97 -7.48 -17.18
C GLY A 30 -10.61 -6.09 -16.70
N GLU A 31 -11.54 -5.41 -16.01
CA GLU A 31 -11.29 -4.07 -15.48
C GLU A 31 -10.05 -4.07 -14.60
N THR A 32 -9.22 -3.04 -14.73
CA THR A 32 -7.94 -3.00 -14.00
C THR A 32 -8.11 -2.54 -12.54
N VAL A 33 -7.48 -3.30 -11.65
CA VAL A 33 -7.37 -2.92 -10.23
C VAL A 33 -5.88 -2.87 -9.95
N ILE A 34 -5.39 -1.71 -9.53
CA ILE A 34 -3.96 -1.58 -9.20
C ILE A 34 -3.84 -1.61 -7.70
N MET A 35 -3.05 -2.55 -7.16
CA MET A 35 -2.86 -2.69 -5.72
C MET A 35 -1.47 -2.18 -5.34
N LEU A 36 -1.45 -1.36 -4.29
CA LEU A 36 -0.29 -0.53 -3.94
C LEU A 36 0.13 -0.86 -2.51
N HIS A 37 1.41 -1.17 -2.34
CA HIS A 37 1.87 -1.73 -1.06
C HIS A 37 2.34 -0.65 -0.09
N GLY A 38 2.60 -1.08 1.15
CA GLY A 38 3.08 -0.19 2.21
C GLY A 38 4.58 0.06 2.15
N GLY A 39 5.08 0.81 3.13
CA GLY A 39 6.46 1.30 3.08
C GLY A 39 7.45 0.54 3.94
N GLY A 40 7.10 -0.68 4.36
CA GLY A 40 7.98 -1.44 5.25
C GLY A 40 9.19 -1.96 4.49
N PRO A 41 10.32 -2.15 5.19
CA PRO A 41 11.49 -2.76 4.54
C PRO A 41 11.13 -4.12 3.92
N GLY A 42 11.48 -4.28 2.65
CA GLY A 42 11.22 -5.54 1.96
C GLY A 42 9.83 -5.65 1.36
N ALA A 43 9.01 -4.60 1.50
CA ALA A 43 7.67 -4.63 0.91
C ALA A 43 7.70 -4.62 -0.61
N GLY A 44 6.66 -5.19 -1.20
CA GLY A 44 6.46 -5.14 -2.64
C GLY A 44 5.07 -5.62 -2.97
N GLY A 45 4.71 -5.52 -4.25
CA GLY A 45 3.35 -5.86 -4.67
C GLY A 45 2.95 -7.28 -4.35
N TRP A 46 3.74 -8.23 -4.83
CA TRP A 46 3.41 -9.63 -4.64
C TRP A 46 3.37 -9.97 -3.15
N SER A 47 4.42 -9.59 -2.43
CA SER A 47 4.54 -9.83 -0.99
C SER A 47 3.29 -9.37 -0.22
N ASN A 48 2.80 -8.19 -0.56
CA ASN A 48 1.69 -7.58 0.18
C ASN A 48 0.32 -8.14 -0.19
N TYR A 49 0.21 -8.66 -1.42
CA TYR A 49 -1.10 -8.96 -1.98
C TYR A 49 -1.31 -10.36 -2.50
N TYR A 50 -0.40 -11.28 -2.19
CA TYR A 50 -0.52 -12.58 -2.83
C TYR A 50 -1.74 -13.39 -2.35
N ARG A 51 -2.37 -12.99 -1.23
CA ARG A 51 -3.64 -13.63 -0.83
C ARG A 51 -4.88 -13.00 -1.48
N ASN A 52 -4.67 -11.96 -2.29
CA ASN A 52 -5.75 -11.20 -2.88
C ASN A 52 -5.81 -11.31 -4.40
N VAL A 53 -4.64 -11.47 -5.03
CA VAL A 53 -4.57 -11.50 -6.49
C VAL A 53 -5.50 -12.58 -7.11
N GLY A 54 -5.47 -13.80 -6.59
CA GLY A 54 -6.25 -14.90 -7.18
C GLY A 54 -7.75 -14.65 -7.15
N PRO A 55 -8.29 -14.41 -5.96
CA PRO A 55 -9.72 -14.11 -5.88
C PRO A 55 -10.18 -12.93 -6.72
N PHE A 56 -9.38 -11.87 -6.79
CA PHE A 56 -9.75 -10.74 -7.66
C PHE A 56 -9.74 -11.13 -9.14
N VAL A 57 -8.74 -11.89 -9.56
CA VAL A 57 -8.67 -12.38 -10.95
C VAL A 57 -9.86 -13.31 -11.26
N ASP A 58 -10.17 -14.19 -10.31
CA ASP A 58 -11.35 -15.08 -10.40
C ASP A 58 -12.67 -14.32 -10.58
N ALA A 59 -12.74 -13.15 -9.95
CA ALA A 59 -13.92 -12.29 -10.03
C ALA A 59 -13.98 -11.51 -11.33
N GLY A 60 -12.93 -11.61 -12.15
CA GLY A 60 -12.96 -11.01 -13.49
C GLY A 60 -12.14 -9.74 -13.68
N TYR A 61 -11.34 -9.38 -12.68
CA TYR A 61 -10.50 -8.19 -12.76
C TYR A 61 -9.13 -8.49 -13.33
N ARG A 62 -8.53 -7.50 -13.98
CA ARG A 62 -7.13 -7.50 -14.27
C ARG A 62 -6.44 -6.88 -13.06
N VAL A 63 -5.57 -7.64 -12.43
CA VAL A 63 -4.90 -7.18 -11.21
C VAL A 63 -3.45 -6.83 -11.51
N ILE A 64 -3.05 -5.63 -11.11
CA ILE A 64 -1.65 -5.23 -11.23
C ILE A 64 -1.16 -4.95 -9.83
N LEU A 65 -0.18 -5.74 -9.37
CA LEU A 65 0.47 -5.54 -8.07
C LEU A 65 1.73 -4.76 -8.35
N LYS A 66 1.71 -3.46 -8.03
CA LYS A 66 2.78 -2.54 -8.43
C LYS A 66 3.86 -2.41 -7.36
N ASP A 67 5.14 -2.43 -7.78
CA ASP A 67 6.20 -2.07 -6.85
C ASP A 67 6.41 -0.57 -6.94
N SER A 68 6.24 0.14 -5.83
CA SER A 68 6.45 1.59 -5.84
C SER A 68 7.95 1.89 -6.01
N PRO A 69 8.27 3.09 -6.53
CA PRO A 69 9.69 3.47 -6.64
C PRO A 69 10.42 3.30 -5.32
N GLY A 70 11.64 2.76 -5.39
CA GLY A 70 12.46 2.55 -4.19
C GLY A 70 12.01 1.34 -3.38
N PHE A 71 11.22 0.48 -4.00
CA PHE A 71 10.83 -0.79 -3.37
C PHE A 71 11.02 -1.99 -4.30
N ASN A 72 11.37 -3.11 -3.68
CA ASN A 72 11.46 -4.39 -4.36
C ASN A 72 12.22 -4.27 -5.70
N LYS A 73 11.58 -4.65 -6.81
CA LYS A 73 12.30 -4.71 -8.08
C LYS A 73 12.13 -3.47 -8.93
N SER A 74 11.47 -2.44 -8.37
CA SER A 74 11.44 -1.16 -9.07
C SER A 74 12.77 -0.44 -8.85
N ASP A 75 13.07 0.54 -9.70
CA ASP A 75 14.33 1.29 -9.57
C ASP A 75 14.49 1.96 -8.21
N ALA A 76 15.74 2.10 -7.80
CA ALA A 76 16.09 2.85 -6.59
C ALA A 76 15.84 4.33 -6.83
N VAL A 77 15.51 5.04 -5.74
CA VAL A 77 15.20 6.47 -5.84
C VAL A 77 15.35 7.12 -4.48
N VAL A 78 15.81 8.38 -4.47
CA VAL A 78 15.74 9.21 -3.26
C VAL A 78 14.70 10.29 -3.58
N MET A 79 13.70 10.41 -2.72
CA MET A 79 12.60 11.36 -2.93
C MET A 79 12.77 12.58 -2.03
N ASP A 80 12.71 13.78 -2.61
CA ASP A 80 12.69 15.00 -1.80
C ASP A 80 11.29 15.53 -1.49
N GLU A 81 10.27 14.93 -2.12
CA GLU A 81 8.87 15.27 -1.84
C GLU A 81 8.18 14.12 -1.12
N GLN A 82 7.03 14.40 -0.51
CA GLN A 82 6.24 13.38 0.19
C GLN A 82 5.98 12.17 -0.73
N ARG A 83 6.12 10.96 -0.18
CA ARG A 83 6.11 9.74 -1.02
C ARG A 83 4.76 9.47 -1.67
N GLY A 84 3.66 9.87 -1.01
CA GLY A 84 2.34 9.61 -1.57
C GLY A 84 2.21 10.22 -2.95
N LEU A 85 2.65 11.47 -3.07
CA LEU A 85 2.52 12.18 -4.34
C LEU A 85 3.46 11.62 -5.41
N VAL A 86 4.71 11.38 -5.03
CA VAL A 86 5.70 10.84 -5.98
C VAL A 86 5.26 9.44 -6.44
N ASN A 87 4.84 8.60 -5.49
CA ASN A 87 4.28 7.29 -5.86
C ASN A 87 3.11 7.37 -6.82
N ALA A 88 2.24 8.37 -6.62
CA ALA A 88 1.04 8.54 -7.45
C ALA A 88 1.44 8.90 -8.88
N ARG A 89 2.45 9.75 -9.01
CA ARG A 89 3.02 10.07 -10.34
C ARG A 89 3.50 8.82 -11.04
N ALA A 90 4.12 7.93 -10.27
CA ALA A 90 4.57 6.66 -10.86
C ALA A 90 3.40 5.75 -11.30
N VAL A 91 2.29 5.75 -10.55
CA VAL A 91 1.10 5.01 -10.99
C VAL A 91 0.57 5.56 -12.32
N LYS A 92 0.50 6.89 -12.42
CA LYS A 92 0.06 7.53 -13.68
C LYS A 92 1.00 7.16 -14.83
N GLY A 93 2.30 7.16 -14.57
CA GLY A 93 3.30 6.77 -15.58
C GLY A 93 3.10 5.34 -16.05
N LEU A 94 2.85 4.45 -15.10
CA LEU A 94 2.54 3.07 -15.43
C LEU A 94 1.29 2.96 -16.30
N MET A 95 0.20 3.59 -15.88
CA MET A 95 -1.05 3.48 -16.61
C MET A 95 -0.91 4.04 -18.03
N ASP A 96 -0.20 5.15 -18.15
CA ASP A 96 0.00 5.74 -19.50
C ASP A 96 0.76 4.76 -20.39
N ALA A 97 1.83 4.17 -19.86
CA ALA A 97 2.66 3.21 -20.60
C ALA A 97 1.88 1.96 -21.04
N LEU A 98 0.95 1.53 -20.20
CA LEU A 98 0.17 0.32 -20.48
C LEU A 98 -1.19 0.60 -21.14
N ASP A 99 -1.45 1.86 -21.48
CA ASP A 99 -2.72 2.26 -22.11
CA ASP A 99 -2.72 2.29 -22.10
C ASP A 99 -3.94 1.90 -21.24
N ILE A 100 -3.83 2.18 -19.95
CA ILE A 100 -4.95 1.97 -19.03
C ILE A 100 -5.56 3.35 -18.78
N ASP A 101 -6.83 3.51 -19.15
CA ASP A 101 -7.52 4.79 -19.02
C ASP A 101 -7.89 5.08 -17.57
N ARG A 102 -8.46 4.10 -16.88
CA ARG A 102 -8.94 4.30 -15.51
C ARG A 102 -8.60 3.03 -14.74
N ALA A 103 -8.24 3.17 -13.46
CA ALA A 103 -8.03 1.98 -12.64
C ALA A 103 -8.73 2.16 -11.30
N HIS A 104 -9.24 1.06 -10.74
CA HIS A 104 -9.61 1.03 -9.34
C HIS A 104 -8.31 0.92 -8.56
N LEU A 105 -8.20 1.62 -7.42
CA LEU A 105 -6.96 1.53 -6.63
C LEU A 105 -7.22 0.92 -5.29
N VAL A 106 -6.29 0.07 -4.87
CA VAL A 106 -6.32 -0.54 -3.53
C VAL A 106 -4.99 -0.18 -2.91
N GLY A 107 -4.99 0.46 -1.73
CA GLY A 107 -3.70 0.84 -1.15
C GLY A 107 -3.65 0.70 0.36
N ASN A 108 -2.62 0.00 0.85
CA ASN A 108 -2.43 -0.06 2.29
CA ASN A 108 -2.38 -0.14 2.27
C ASN A 108 -1.25 0.78 2.76
N ALA A 109 -1.49 1.49 3.87
CA ALA A 109 -0.47 2.28 4.54
C ALA A 109 0.12 3.29 3.57
N MET A 110 1.43 3.23 3.27
CA MET A 110 1.99 4.14 2.25
C MET A 110 1.20 4.05 0.95
N GLY A 111 0.82 2.84 0.57
CA GLY A 111 -0.01 2.63 -0.61
C GLY A 111 -1.36 3.34 -0.55
N GLY A 112 -1.93 3.46 0.65
CA GLY A 112 -3.16 4.26 0.86
C GLY A 112 -2.91 5.74 0.60
N ALA A 113 -1.76 6.23 1.05
CA ALA A 113 -1.34 7.59 0.76
C ALA A 113 -1.19 7.75 -0.75
N THR A 114 -0.50 6.79 -1.40
CA THR A 114 -0.37 6.83 -2.85
C THR A 114 -1.73 6.94 -3.55
N ALA A 115 -2.68 6.11 -3.14
CA ALA A 115 -4.00 6.09 -3.73
C ALA A 115 -4.77 7.40 -3.51
N LEU A 116 -4.63 7.98 -2.32
CA LEU A 116 -5.31 9.25 -2.02
C LEU A 116 -4.74 10.34 -2.92
N ASN A 117 -3.40 10.37 -3.03
CA ASN A 117 -2.77 11.40 -3.86
C ASN A 117 -3.17 11.23 -5.32
N PHE A 118 -3.26 9.98 -5.77
CA PHE A 118 -3.64 9.73 -7.16
C PHE A 118 -5.07 10.23 -7.41
N ALA A 119 -5.97 9.93 -6.48
CA ALA A 119 -7.35 10.39 -6.62
C ALA A 119 -7.44 11.91 -6.66
N LEU A 120 -6.58 12.57 -5.88
CA LEU A 120 -6.56 14.03 -5.84
C LEU A 120 -6.01 14.66 -7.12
N GLU A 121 -4.94 14.07 -7.64
CA GLU A 121 -4.18 14.67 -8.75
C GLU A 121 -4.76 14.27 -10.10
N TYR A 122 -5.32 13.06 -10.18
CA TYR A 122 -5.80 12.52 -11.45
C TYR A 122 -7.23 11.96 -11.30
N PRO A 123 -8.20 12.82 -10.94
CA PRO A 123 -9.54 12.31 -10.65
C PRO A 123 -10.23 11.63 -11.84
N ASP A 124 -9.83 11.97 -13.07
CA ASP A 124 -10.45 11.36 -14.25
CA ASP A 124 -10.41 11.38 -14.27
C ASP A 124 -9.83 10.01 -14.62
N ARG A 125 -8.81 9.59 -13.84
CA ARG A 125 -8.07 8.34 -14.10
C ARG A 125 -8.34 7.24 -13.05
N ILE A 126 -9.19 7.56 -12.06
CA ILE A 126 -9.54 6.58 -11.04
C ILE A 126 -10.99 6.11 -11.16
N GLY A 127 -11.21 4.84 -10.83
CA GLY A 127 -12.55 4.29 -10.66
C GLY A 127 -12.90 4.44 -9.19
N LYS A 128 -12.92 3.32 -8.50
CA LYS A 128 -13.16 3.31 -7.06
CA LYS A 128 -13.17 3.28 -7.06
C LYS A 128 -11.86 3.30 -6.26
N LEU A 129 -11.96 3.67 -5.00
CA LEU A 129 -10.80 3.85 -4.16
C LEU A 129 -10.97 2.98 -2.93
N ILE A 130 -9.99 2.12 -2.67
CA ILE A 130 -10.02 1.23 -1.51
C ILE A 130 -8.77 1.49 -0.69
N LEU A 131 -8.97 1.78 0.60
CA LEU A 131 -7.91 2.28 1.46
C LEU A 131 -7.81 1.37 2.68
N MET A 132 -6.62 0.87 2.95
CA MET A 132 -6.42 0.06 4.14
C MET A 132 -5.42 0.75 5.03
N GLY A 133 -5.90 1.37 6.11
CA GLY A 133 -5.01 2.08 7.04
C GLY A 133 -3.99 3.00 6.36
N PRO A 134 -4.45 3.99 5.56
CA PRO A 134 -3.48 4.88 4.89
C PRO A 134 -2.61 5.65 5.86
N GLY A 135 -1.32 5.78 5.53
CA GLY A 135 -0.38 6.47 6.42
C GLY A 135 -0.19 7.93 6.07
N GLY A 136 0.30 8.69 7.03
CA GLY A 136 0.69 10.09 6.80
C GLY A 136 -0.40 11.13 6.95
N LEU A 137 -1.54 10.78 7.56
CA LEU A 137 -2.66 11.70 7.65
C LEU A 137 -2.69 12.58 8.92
N GLY A 138 -1.51 13.05 9.36
CA GLY A 138 -1.42 14.00 10.48
C GLY A 138 -1.51 13.33 11.85
N PRO A 139 -1.71 14.12 12.91
CA PRO A 139 -1.75 13.54 14.24
C PRO A 139 -2.99 12.72 14.50
N SER A 140 -2.88 11.79 15.44
CA SER A 140 -4.03 11.06 15.97
C SER A 140 -4.63 11.89 17.10
N MET A 141 -5.94 11.75 17.30
CA MET A 141 -6.60 12.34 18.48
C MET A 141 -6.34 11.55 19.76
N PHE A 142 -5.83 10.32 19.62
CA PHE A 142 -5.63 9.42 20.79
C PHE A 142 -4.25 8.78 20.91
N ALA A 143 -3.63 8.48 19.77
CA ALA A 143 -2.37 7.72 19.78
C ALA A 143 -1.15 8.63 19.85
N PRO A 144 -0.29 8.42 20.86
CA PRO A 144 1.03 9.07 20.81
C PRO A 144 1.74 8.71 19.51
N MET A 145 2.39 9.69 18.90
CA MET A 145 3.14 9.45 17.69
C MET A 145 4.61 9.89 17.85
N PRO A 146 5.56 9.19 17.21
CA PRO A 146 5.34 8.11 16.24
C PRO A 146 4.75 6.86 16.89
N MET A 147 3.90 6.17 16.16
CA MET A 147 3.33 4.97 16.70
C MET A 147 4.37 3.87 16.92
N GLU A 148 4.04 2.95 17.82
CA GLU A 148 4.91 1.82 18.16
C GLU A 148 5.50 1.14 16.91
N GLY A 149 4.63 0.85 15.96
CA GLY A 149 5.02 0.15 14.75
C GLY A 149 5.99 0.93 13.88
N ILE A 150 5.78 2.24 13.83
CA ILE A 150 6.66 3.12 13.06
C ILE A 150 8.07 3.17 13.65
N LYS A 151 8.17 3.17 14.98
CA LYS A 151 9.47 3.07 15.62
C LYS A 151 10.21 1.83 15.15
N LEU A 152 9.51 0.70 15.10
CA LEU A 152 10.11 -0.55 14.64
C LEU A 152 10.45 -0.54 13.17
N LEU A 153 9.61 0.08 12.35
CA LEU A 153 9.90 0.21 10.92
C LEU A 153 11.21 0.98 10.73
N PHE A 154 11.40 2.07 11.48
CA PHE A 154 12.67 2.81 11.36
C PHE A 154 13.88 2.05 11.88
N LYS A 155 13.70 1.31 12.97
CA LYS A 155 14.78 0.49 13.50
C LYS A 155 15.22 -0.57 12.46
N LEU A 156 14.22 -1.21 11.83
CA LEU A 156 14.53 -2.21 10.80
C LEU A 156 15.20 -1.59 9.56
N TYR A 157 14.75 -0.40 9.14
CA TYR A 157 15.44 0.30 8.05
C TYR A 157 16.89 0.63 8.37
N ALA A 158 17.14 1.12 9.58
CA ALA A 158 18.50 1.62 9.94
C ALA A 158 19.44 0.51 10.34
N GLU A 159 18.90 -0.54 10.98
CA GLU A 159 19.68 -1.68 11.43
C GLU A 159 19.00 -3.00 11.07
N PRO A 160 18.98 -3.34 9.77
CA PRO A 160 18.26 -4.53 9.36
C PRO A 160 18.88 -5.81 9.93
N SER A 161 18.03 -6.66 10.48
CA SER A 161 18.41 -7.97 10.95
C SER A 161 17.16 -8.84 10.98
N TYR A 162 17.38 -10.15 10.95
CA TYR A 162 16.28 -11.11 10.92
C TYR A 162 15.46 -11.00 12.21
N GLU A 163 16.17 -10.83 13.33
CA GLU A 163 15.54 -10.69 14.64
C GLU A 163 14.68 -9.43 14.71
N THR A 164 15.21 -8.31 14.23
CA THR A 164 14.43 -7.07 14.21
C THR A 164 13.23 -7.20 13.26
N LEU A 165 13.43 -7.92 12.16
CA LEU A 165 12.32 -8.22 11.25
C LEU A 165 11.22 -8.99 11.97
N LYS A 166 11.61 -10.02 12.72
CA LYS A 166 10.65 -10.83 13.49
C LYS A 166 9.91 -9.96 14.50
N GLN A 167 10.65 -9.14 15.23
CA GLN A 167 10.08 -8.16 16.16
CA GLN A 167 10.03 -8.21 16.17
C GLN A 167 9.03 -7.30 15.48
N MET A 168 9.36 -6.79 14.29
CA MET A 168 8.46 -5.91 13.56
CA MET A 168 8.42 -5.91 13.59
C MET A 168 7.17 -6.67 13.18
N LEU A 169 7.33 -7.88 12.66
CA LEU A 169 6.19 -8.66 12.23
C LEU A 169 5.25 -9.05 13.38
N GLN A 170 5.83 -9.25 14.58
CA GLN A 170 5.03 -9.54 15.77
C GLN A 170 4.10 -8.38 16.15
N VAL A 171 4.54 -7.17 15.88
CA VAL A 171 3.72 -5.99 16.12
C VAL A 171 2.76 -5.74 14.95
N PHE A 172 3.22 -6.06 13.73
CA PHE A 172 2.46 -5.88 12.48
C PHE A 172 1.20 -6.74 12.41
N LEU A 173 1.30 -7.95 12.95
CA LEU A 173 0.23 -8.94 12.88
C LEU A 173 -0.40 -9.13 14.24
N TYR A 174 -1.74 -9.28 14.27
CA TYR A 174 -2.40 -9.56 15.53
C TYR A 174 -2.16 -11.01 15.97
N ASP A 175 -2.48 -11.94 15.08
CA ASP A 175 -2.37 -13.36 15.35
C ASP A 175 -0.92 -13.80 15.11
N GLN A 176 -0.21 -14.05 16.21
CA GLN A 176 1.19 -14.49 16.16
C GLN A 176 1.43 -15.80 15.39
N SER A 177 0.41 -16.67 15.35
CA SER A 177 0.52 -17.94 14.64
C SER A 177 0.53 -17.78 13.11
N LEU A 178 0.38 -16.53 12.64
CA LEU A 178 0.51 -16.27 11.21
C LEU A 178 1.96 -16.03 10.77
N ILE A 179 2.84 -15.88 11.75
CA ILE A 179 4.24 -15.57 11.48
C ILE A 179 5.03 -16.87 11.28
N THR A 180 4.93 -17.38 10.05
CA THR A 180 5.62 -18.58 9.63
C THR A 180 7.04 -18.27 9.19
N GLU A 181 7.87 -19.31 9.11
CA GLU A 181 9.22 -19.17 8.58
C GLU A 181 9.20 -18.66 7.13
N GLU A 182 8.20 -19.08 6.37
CA GLU A 182 8.01 -18.64 4.98
C GLU A 182 7.84 -17.13 4.87
N LEU A 183 7.01 -16.56 5.73
CA LEU A 183 6.79 -15.12 5.75
C LEU A 183 8.08 -14.40 6.10
N LEU A 184 8.70 -14.80 7.20
CA LEU A 184 9.97 -14.22 7.65
C LEU A 184 11.04 -14.30 6.58
N GLN A 185 11.21 -15.47 5.97
CA GLN A 185 12.26 -15.69 4.97
C GLN A 185 12.05 -14.84 3.72
N GLY A 186 10.79 -14.68 3.33
CA GLY A 186 10.44 -13.88 2.16
C GLY A 186 10.73 -12.41 2.35
N ARG A 187 10.33 -11.86 3.50
CA ARG A 187 10.61 -10.45 3.76
C ARG A 187 12.11 -10.22 3.94
N TRP A 188 12.77 -11.16 4.60
CA TRP A 188 14.22 -11.08 4.80
C TRP A 188 14.99 -11.09 3.47
N GLU A 189 14.62 -12.00 2.57
CA GLU A 189 15.23 -12.01 1.23
C GLU A 189 15.12 -10.67 0.51
N ALA A 190 13.93 -10.05 0.54
CA ALA A 190 13.72 -8.76 -0.11
C ALA A 190 14.53 -7.63 0.55
N ILE A 191 14.72 -7.73 1.86
CA ILE A 191 15.58 -6.77 2.58
C ILE A 191 17.04 -6.98 2.20
N GLN A 192 17.49 -8.24 2.20
CA GLN A 192 18.89 -8.55 1.87
C GLN A 192 19.24 -8.22 0.43
N ARG A 193 18.26 -8.34 -0.46
CA ARG A 193 18.50 -8.20 -1.90
C ARG A 193 18.68 -6.76 -2.36
N GLN A 194 18.15 -5.82 -1.58
CA GLN A 194 18.10 -4.41 -1.99
C GLN A 194 18.47 -3.49 -0.84
N PRO A 195 19.71 -3.60 -0.34
CA PRO A 195 20.15 -2.70 0.73
C PRO A 195 20.07 -1.24 0.36
N GLU A 196 20.31 -0.90 -0.89
CA GLU A 196 20.21 0.51 -1.29
C GLU A 196 18.83 1.09 -1.03
N HIS A 197 17.78 0.27 -1.17
CA HIS A 197 16.42 0.75 -0.89
C HIS A 197 16.26 1.22 0.55
N LEU A 198 16.87 0.49 1.48
CA LEU A 198 16.77 0.80 2.91
C LEU A 198 17.42 2.16 3.16
N LYS A 199 18.68 2.30 2.73
CA LYS A 199 19.43 3.55 2.84
C LYS A 199 18.65 4.74 2.23
N ASN A 200 18.13 4.54 1.03
CA ASN A 200 17.42 5.60 0.32
C ASN A 200 16.11 6.02 0.97
N PHE A 201 15.37 5.07 1.54
CA PHE A 201 14.14 5.39 2.27
C PHE A 201 14.44 6.33 3.44
N LEU A 202 15.52 6.04 4.16
CA LEU A 202 15.90 6.83 5.32
C LEU A 202 16.29 8.26 4.90
N ILE A 203 17.07 8.38 3.83
CA ILE A 203 17.45 9.70 3.29
C ILE A 203 16.19 10.47 2.88
N SER A 204 15.26 9.77 2.21
CA SER A 204 14.01 10.38 1.78
C SER A 204 13.15 10.87 2.95
N ALA A 205 13.17 10.12 4.04
CA ALA A 205 12.35 10.43 5.22
C ALA A 205 12.85 11.68 5.91
N GLN A 206 14.16 11.92 5.82
CA GLN A 206 14.75 13.13 6.41
C GLN A 206 14.41 14.34 5.56
N LYS A 207 14.42 14.16 4.25
CA LYS A 207 14.06 15.22 3.32
C LYS A 207 12.58 15.61 3.36
N ALA A 208 11.70 14.63 3.59
CA ALA A 208 10.26 14.85 3.59
C ALA A 208 9.62 14.07 4.73
N PRO A 209 9.55 14.66 5.93
CA PRO A 209 8.98 13.98 7.08
C PRO A 209 7.52 13.61 6.85
N LEU A 210 7.03 12.71 7.71
CA LEU A 210 5.65 12.24 7.63
C LEU A 210 4.62 13.39 7.58
N SER A 211 4.91 14.51 8.25
CA SER A 211 3.96 15.64 8.22
C SER A 211 3.65 16.12 6.80
N THR A 212 4.61 15.96 5.89
CA THR A 212 4.48 16.43 4.51
C THR A 212 3.53 15.58 3.70
N TRP A 213 3.23 14.39 4.20
CA TRP A 213 2.34 13.45 3.52
C TRP A 213 0.87 13.77 3.79
N ASP A 214 0.62 14.70 4.72
CA ASP A 214 -0.75 14.94 5.20
C ASP A 214 -1.63 15.72 4.23
N VAL A 215 -2.50 14.99 3.53
CA VAL A 215 -3.39 15.59 2.52
C VAL A 215 -4.80 15.80 3.05
N THR A 216 -4.97 15.73 4.38
CA THR A 216 -6.26 15.87 5.03
C THR A 216 -7.08 17.03 4.48
N ALA A 217 -6.43 18.16 4.27
CA ALA A 217 -7.14 19.39 3.89
C ALA A 217 -7.81 19.30 2.54
N ARG A 218 -7.35 18.36 1.72
CA ARG A 218 -7.88 18.22 0.36
C ARG A 218 -8.88 17.05 0.20
N LEU A 219 -9.17 16.34 1.30
CA LEU A 219 -10.01 15.14 1.19
C LEU A 219 -11.41 15.41 0.60
N GLY A 220 -11.94 16.62 0.82
CA GLY A 220 -13.22 17.04 0.25
C GLY A 220 -13.29 17.06 -1.28
N GLU A 221 -12.13 17.02 -1.94
CA GLU A 221 -12.07 17.02 -3.40
C GLU A 221 -12.37 15.65 -3.97
N ILE A 222 -12.24 14.61 -3.15
CA ILE A 222 -12.35 13.25 -3.66
C ILE A 222 -13.79 12.86 -3.98
N LYS A 223 -14.04 12.60 -5.26
CA LYS A 223 -15.35 12.19 -5.74
C LYS A 223 -15.50 10.67 -5.94
N ALA A 224 -14.38 9.92 -5.91
CA ALA A 224 -14.44 8.46 -6.04
C ALA A 224 -15.22 7.83 -4.89
N LYS A 225 -16.06 6.84 -5.20
CA LYS A 225 -16.64 6.03 -4.13
C LYS A 225 -15.51 5.31 -3.40
N THR A 226 -15.53 5.38 -2.07
CA THR A 226 -14.35 5.00 -1.28
C THR A 226 -14.72 3.96 -0.22
N PHE A 227 -13.88 2.93 -0.07
CA PHE A 227 -14.11 1.89 0.93
C PHE A 227 -12.86 1.92 1.81
N ILE A 228 -13.04 2.22 3.11
CA ILE A 228 -11.90 2.36 4.01
C ILE A 228 -11.91 1.14 4.92
N THR A 229 -10.74 0.51 5.10
CA THR A 229 -10.61 -0.64 5.97
CA THR A 229 -10.61 -0.65 5.97
C THR A 229 -9.58 -0.34 7.05
N TRP A 230 -9.79 -0.88 8.25
CA TRP A 230 -8.80 -0.73 9.30
C TRP A 230 -8.75 -2.02 10.11
N GLY A 231 -7.56 -2.33 10.62
CA GLY A 231 -7.40 -3.36 11.66
C GLY A 231 -7.67 -2.71 13.01
N ARG A 232 -8.54 -3.32 13.81
CA ARG A 232 -8.83 -2.78 15.16
C ARG A 232 -7.54 -2.63 15.97
N ASP A 233 -6.59 -3.50 15.66
CA ASP A 233 -5.39 -3.67 16.47
C ASP A 233 -4.14 -3.21 15.74
N ASP A 234 -4.34 -2.21 14.87
CA ASP A 234 -3.25 -1.64 14.09
C ASP A 234 -2.37 -0.72 14.95
N ARG A 235 -1.11 -1.13 15.12
CA ARG A 235 -0.14 -0.40 15.94
C ARG A 235 0.78 0.46 15.07
N PHE A 236 0.42 0.64 13.80
CA PHE A 236 1.22 1.41 12.83
C PHE A 236 0.56 2.68 12.35
N VAL A 237 -0.76 2.62 12.17
CA VAL A 237 -1.56 3.78 11.77
CA VAL A 237 -1.57 3.75 11.71
C VAL A 237 -2.81 3.80 12.63
N PRO A 238 -3.14 4.99 13.16
CA PRO A 238 -4.17 5.07 14.19
C PRO A 238 -5.60 4.91 13.68
N LEU A 239 -6.34 4.07 14.39
CA LEU A 239 -7.73 3.78 14.08
C LEU A 239 -8.59 5.03 13.87
N ASP A 240 -8.33 6.10 14.64
CA ASP A 240 -9.15 7.29 14.48
C ASP A 240 -9.01 7.98 13.12
N HIS A 241 -7.93 7.69 12.40
CA HIS A 241 -7.80 8.17 11.02
C HIS A 241 -8.83 7.54 10.10
N GLY A 242 -9.32 6.36 10.44
CA GLY A 242 -10.45 5.77 9.70
C GLY A 242 -11.67 6.68 9.81
N LEU A 243 -11.92 7.20 11.00
CA LEU A 243 -13.01 8.17 11.18
C LEU A 243 -12.72 9.49 10.43
N LYS A 244 -11.46 9.93 10.45
CA LYS A 244 -11.08 11.17 9.76
C LYS A 244 -11.45 11.07 8.28
N LEU A 245 -11.12 9.94 7.67
CA LEU A 245 -11.45 9.72 6.26
C LEU A 245 -12.96 9.63 6.04
N LEU A 246 -13.63 8.93 6.94
CA LEU A 246 -15.08 8.73 6.83
C LEU A 246 -15.83 10.06 6.90
N TRP A 247 -15.33 10.99 7.72
CA TRP A 247 -16.00 12.29 7.88
C TRP A 247 -15.65 13.26 6.76
N ASN A 248 -14.50 13.07 6.10
CA ASN A 248 -13.99 14.07 5.16
C ASN A 248 -14.15 13.75 3.67
N ILE A 249 -14.27 12.48 3.34
CA ILE A 249 -14.53 12.04 1.97
C ILE A 249 -16.03 11.96 1.74
N ASP A 250 -16.50 12.52 0.63
CA ASP A 250 -17.94 12.57 0.33
C ASP A 250 -18.66 11.23 0.46
N ASP A 251 -18.19 10.23 -0.29
CA ASP A 251 -18.91 8.95 -0.34
C ASP A 251 -17.98 7.85 0.13
N ALA A 252 -17.92 7.64 1.44
CA ALA A 252 -17.05 6.61 2.02
C ALA A 252 -17.82 5.68 2.94
N ARG A 253 -17.26 4.51 3.20
CA ARG A 253 -17.73 3.66 4.30
C ARG A 253 -16.49 3.11 4.98
N LEU A 254 -16.64 2.68 6.25
CA LEU A 254 -15.50 2.23 7.04
C LEU A 254 -15.79 0.85 7.56
N HIS A 255 -14.84 -0.08 7.35
CA HIS A 255 -15.00 -1.45 7.82
C HIS A 255 -13.81 -1.76 8.70
N VAL A 256 -14.08 -2.10 9.96
CA VAL A 256 -12.98 -2.42 10.88
C VAL A 256 -13.04 -3.88 11.30
N PHE A 257 -11.93 -4.58 11.12
CA PHE A 257 -11.82 -5.99 11.49
C PHE A 257 -11.31 -6.10 12.93
N SER A 258 -11.94 -6.95 13.74
CA SER A 258 -11.38 -7.27 15.04
CA SER A 258 -11.38 -7.27 15.05
C SER A 258 -10.22 -8.24 14.87
N LYS A 259 -9.34 -8.31 15.88
CA LYS A 259 -8.21 -9.26 15.87
C LYS A 259 -7.46 -9.10 14.55
N CYS A 260 -6.96 -7.90 14.33
CA CYS A 260 -6.37 -7.57 13.04
C CYS A 260 -5.34 -6.48 13.23
N GLY A 261 -4.10 -6.74 12.82
CA GLY A 261 -3.06 -5.71 12.85
C GLY A 261 -3.14 -4.81 11.62
N HIS A 262 -1.98 -4.36 11.16
CA HIS A 262 -1.69 -3.40 10.04
CA HIS A 262 -2.12 -3.41 10.07
C HIS A 262 -1.64 -4.00 8.62
C HIS A 262 -2.61 -4.08 8.79
N TRP A 263 -2.04 -5.25 8.50
CA TRP A 263 -2.06 -5.90 7.18
C TRP A 263 -3.39 -6.60 6.95
N ALA A 264 -4.47 -5.82 6.94
CA ALA A 264 -5.82 -6.39 6.95
C ALA A 264 -6.13 -7.30 5.75
N GLN A 265 -5.60 -6.96 4.57
CA GLN A 265 -5.92 -7.74 3.38
C GLN A 265 -5.31 -9.15 3.40
N TRP A 266 -4.34 -9.35 4.28
CA TRP A 266 -3.70 -10.63 4.46
C TRP A 266 -4.20 -11.35 5.71
N GLU A 267 -4.32 -10.62 6.82
CA GLU A 267 -4.76 -11.21 8.09
CA GLU A 267 -4.75 -11.25 8.07
C GLU A 267 -6.22 -11.67 8.04
N HIS A 268 -7.04 -10.92 7.28
CA HIS A 268 -8.47 -11.23 7.10
C HIS A 268 -8.77 -11.30 5.61
N ALA A 269 -7.92 -12.04 4.89
CA ALA A 269 -8.01 -12.10 3.42
C ALA A 269 -9.39 -12.49 2.89
N ASP A 270 -10.00 -13.54 3.43
CA ASP A 270 -11.29 -13.98 2.88
C ASP A 270 -12.37 -12.91 2.98
N GLU A 271 -12.52 -12.31 4.17
CA GLU A 271 -13.52 -11.27 4.34
CA GLU A 271 -13.51 -11.24 4.38
C GLU A 271 -13.17 -10.04 3.50
N PHE A 272 -11.89 -9.64 3.52
CA PHE A 272 -11.44 -8.49 2.73
C PHE A 272 -11.77 -8.69 1.23
N ASN A 273 -11.40 -9.85 0.70
CA ASN A 273 -11.70 -10.14 -0.71
C ASN A 273 -13.19 -10.03 -1.03
N ARG A 274 -14.02 -10.70 -0.22
CA ARG A 274 -15.46 -10.66 -0.44
C ARG A 274 -16.00 -9.23 -0.41
N LEU A 275 -15.62 -8.46 0.60
CA LEU A 275 -16.12 -7.09 0.76
C LEU A 275 -15.73 -6.18 -0.39
N VAL A 276 -14.45 -6.28 -0.77
CA VAL A 276 -13.94 -5.35 -1.77
C VAL A 276 -14.43 -5.74 -3.18
N ILE A 277 -14.47 -7.03 -3.46
CA ILE A 277 -15.05 -7.47 -4.74
C ILE A 277 -16.53 -7.04 -4.84
N ASP A 278 -17.29 -7.23 -3.75
CA ASP A 278 -18.69 -6.77 -3.72
C ASP A 278 -18.77 -5.28 -3.98
N PHE A 279 -17.89 -4.51 -3.34
CA PHE A 279 -17.85 -3.07 -3.50
C PHE A 279 -17.58 -2.66 -4.96
N LEU A 280 -16.55 -3.26 -5.56
CA LEU A 280 -16.22 -2.97 -6.96
C LEU A 280 -17.37 -3.34 -7.92
N ARG A 281 -18.02 -4.46 -7.64
CA ARG A 281 -19.14 -4.92 -8.48
C ARG A 281 -20.40 -4.08 -8.35
N HIS A 282 -20.73 -3.67 -7.13
CA HIS A 282 -22.09 -3.16 -6.85
C HIS A 282 -22.23 -1.75 -6.33
N ALA A 283 -21.17 -1.18 -5.79
CA ALA A 283 -21.29 0.13 -5.15
C ALA A 283 -21.52 1.22 -6.19
NA NA B . 1.37 -22.51 13.48
OA4 C1E C . 3.57 2.14 4.86
CA6 C1E C . 3.63 2.16 6.09
CA5 C1E C . 3.95 0.92 6.83
CA4 C1E C . 4.00 -0.23 6.11
CA3 C1E C . 4.59 -1.48 6.63
CLA1 C1E C . 5.16 -1.54 8.29
CA2 C1E C . 4.73 -2.57 5.87
OA3 C1E C . 5.25 -3.69 6.38
CA1 C1E C . 4.12 -2.68 4.55
OA2 C1E C . 2.94 -3.06 4.44
OA1 C1E C . 4.76 -2.28 3.58
CB1 C1E C . 3.41 3.47 6.82
CB2 C1E C . 3.77 4.67 6.21
CB3 C1E C . 3.54 5.89 6.86
CB4 C1E C . 2.99 5.91 8.14
CB5 C1E C . 2.65 4.70 8.77
CB6 C1E C . 2.86 3.49 8.11
C1 MLI D . 3.80 -20.13 12.90
C2 MLI D . 3.49 -20.13 14.39
C3 MLI D . 4.29 -21.51 12.50
O6 MLI D . 2.47 -20.74 14.79
O7 MLI D . 4.23 -19.52 15.18
O8 MLI D . 3.41 -22.39 12.34
O9 MLI D . 5.52 -21.70 12.36
#